data_4PI9
#
_entry.id   4PI9
#
_cell.length_a   45.626
_cell.length_b   69.312
_cell.length_c   73.424
_cell.angle_alpha   90.00
_cell.angle_beta   90.00
_cell.angle_gamma   90.00
#
_symmetry.space_group_name_H-M   'P 21 21 21'
#
loop_
_entity.id
_entity.type
_entity.pdbx_description
1 polymer 'Autolysin E'
2 non-polymer 'SULFATE ION'
3 non-polymer 'CHLORIDE ION'
4 non-polymer '(4R)-4-[[(2S)-2-[[(2R)-2-[(2R,3S,4R,5R,6R)-5-acetamido-2-(hydroxymethyl)-3,6-bis(oxidanyl)oxan-4-yl]oxypropanoyl]amino]propanoyl]amino]-5-azanyl-5-oxidanylidene-pentanoic acid'
5 water water
#
_entity_poly.entity_id   1
_entity_poly.type   'polypeptide(L)'
_entity_poly.pdbx_seq_one_letter_code
;SAAANDVNYSFDEAVSMQQGKGIVQTKEEDGKFVEANNNEIAKAMTISHKDNDMKYMDITEKVPMSESEVNQLLKGKGIL
ENRGKVFLEAQEKYEVNVIYLVSHALVETGNGKSELAKGIKDGKKRYYNFFGIGAFDSSAVRSGKSYAEKEQWTSPDKAI
IGGAKFIRNEYFENNQLNLYQMRWNPENPAQHQYASDIRWADKIAKLMDKSYKQFGIKKDDIRQTYYK
;
_entity_poly.pdbx_strand_id   A
#
loop_
_chem_comp.id
_chem_comp.type
_chem_comp.name
_chem_comp.formula
3LT non-polymer '(4R)-4-[[(2S)-2-[[(2R)-2-[(2R,3S,4R,5R,6R)-5-acetamido-2-(hydroxymethyl)-3,6-bis(oxidanyl)oxan-4-yl]oxypropanoyl]amino]propanoyl]amino]-5-azanyl-5-oxidanylidene-pentanoic acid' 'C19 H32 N4 O11'
CL non-polymer 'CHLORIDE ION' 'Cl -1'
SO4 non-polymer 'SULFATE ION' 'O4 S -2'
#
# COMPACT_ATOMS: atom_id res chain seq x y z
N ALA A 3 8.54 -3.09 -26.92
CA ALA A 3 8.18 -1.73 -26.44
C ALA A 3 8.23 -1.67 -24.92
N ALA A 4 9.05 -0.75 -24.38
CA ALA A 4 9.04 -0.40 -22.95
C ALA A 4 8.08 0.79 -22.70
N ASN A 5 7.21 1.02 -23.68
CA ASN A 5 6.30 2.13 -23.67
C ASN A 5 5.01 1.69 -22.98
N ASP A 6 4.82 2.19 -21.76
CA ASP A 6 3.63 1.89 -20.96
C ASP A 6 2.61 3.02 -20.95
N VAL A 7 2.77 3.98 -21.87
CA VAL A 7 1.82 5.06 -22.00
C VAL A 7 0.82 4.66 -23.07
N ASN A 8 -0.39 4.27 -22.64
CA ASN A 8 -1.36 3.61 -23.50
C ASN A 8 -2.68 4.33 -23.77
N TYR A 9 -3.08 5.24 -22.88
CA TYR A 9 -4.42 5.84 -22.85
C TYR A 9 -4.32 7.31 -22.65
N SER A 10 -5.25 8.07 -23.21
CA SER A 10 -5.32 9.48 -22.86
C SER A 10 -5.89 9.64 -21.45
N PHE A 11 -5.68 10.77 -20.82
CA PHE A 11 -6.30 10.99 -19.52
C PHE A 11 -7.84 10.80 -19.56
N ASP A 12 -8.51 11.39 -20.55
CA ASP A 12 -9.96 11.21 -20.67
C ASP A 12 -10.42 9.78 -20.82
N GLU A 13 -9.70 8.97 -21.60
CA GLU A 13 -10.02 7.58 -21.79
C GLU A 13 -9.92 6.88 -20.42
N ALA A 14 -8.82 7.16 -19.74
CA ALA A 14 -8.56 6.56 -18.39
C ALA A 14 -9.61 6.95 -17.39
N VAL A 15 -9.97 8.24 -17.35
CA VAL A 15 -11.08 8.67 -16.49
C VAL A 15 -12.36 7.89 -16.77
N SER A 16 -12.76 7.75 -18.03
CA SER A 16 -13.97 7.01 -18.30
C SER A 16 -13.94 5.55 -17.86
N MET A 17 -12.76 4.94 -17.98
CA MET A 17 -12.59 3.60 -17.47
C MET A 17 -12.68 3.55 -15.94
N GLN A 18 -12.06 4.50 -15.23
CA GLN A 18 -12.13 4.53 -13.74
C GLN A 18 -13.58 4.77 -13.24
N GLN A 19 -14.38 5.41 -14.08
CA GLN A 19 -15.79 5.65 -13.83
C GLN A 19 -16.73 4.54 -14.31
N GLY A 20 -16.20 3.41 -14.80
CA GLY A 20 -17.00 2.35 -15.32
C GLY A 20 -17.84 1.55 -14.35
N LYS A 21 -18.68 0.72 -14.89
CA LYS A 21 -19.73 0.02 -14.16
C LYS A 21 -19.26 -0.93 -13.07
N GLY A 22 -19.90 -0.82 -11.90
CA GLY A 22 -19.57 -1.65 -10.73
C GLY A 22 -18.13 -1.54 -10.25
N ILE A 23 -17.39 -0.51 -10.70
CA ILE A 23 -15.98 -0.28 -10.28
C ILE A 23 -15.95 0.48 -9.01
N VAL A 24 -15.37 -0.15 -8.01
CA VAL A 24 -15.50 0.34 -6.69
C VAL A 24 -14.43 1.42 -6.47
N GLN A 25 -14.90 2.67 -6.34
CA GLN A 25 -14.02 3.74 -5.96
C GLN A 25 -14.70 4.36 -4.75
N THR A 26 -13.97 4.58 -3.69
CA THR A 26 -14.59 4.99 -2.43
C THR A 26 -13.87 6.21 -1.85
N LYS A 27 -14.57 6.86 -0.94
CA LYS A 27 -14.07 8.07 -0.26
C LYS A 27 -14.57 8.08 1.17
N GLU A 28 -13.71 8.54 2.09
CA GLU A 28 -14.12 8.67 3.48
C GLU A 28 -14.92 9.96 3.67
N GLU A 29 -16.15 9.80 4.14
CA GLU A 29 -17.04 10.89 4.51
C GLU A 29 -17.79 10.54 5.81
N ASP A 30 -17.81 11.49 6.75
CA ASP A 30 -18.50 11.32 8.06
C ASP A 30 -18.10 10.06 8.81
N GLY A 31 -16.79 9.75 8.81
CA GLY A 31 -16.26 8.63 9.56
C GLY A 31 -16.24 7.24 8.92
N LYS A 32 -16.87 7.07 7.75
CA LYS A 32 -16.86 5.77 7.06
C LYS A 32 -16.65 5.95 5.55
N PHE A 33 -16.51 4.82 4.84
CA PHE A 33 -16.34 4.87 3.38
C PHE A 33 -17.64 4.82 2.58
N VAL A 34 -17.77 5.70 1.61
CA VAL A 34 -18.91 5.70 0.69
C VAL A 34 -18.40 5.68 -0.75
N GLU A 35 -19.27 5.36 -1.69
CA GLU A 35 -18.90 5.42 -3.09
C GLU A 35 -18.56 6.84 -3.49
N ALA A 36 -17.44 7.01 -4.23
CA ALA A 36 -17.04 8.31 -4.79
C ALA A 36 -17.83 8.59 -6.06
N ASN A 37 -18.19 9.86 -6.29
CA ASN A 37 -18.85 10.20 -7.53
C ASN A 37 -17.87 10.40 -8.65
N ASN A 38 -18.40 10.45 -9.87
CA ASN A 38 -17.53 10.59 -11.03
C ASN A 38 -16.61 11.79 -11.01
N ASN A 39 -17.09 12.91 -10.52
CA ASN A 39 -16.25 14.09 -10.40
C ASN A 39 -15.11 13.93 -9.38
N GLU A 40 -15.40 13.29 -8.25
CA GLU A 40 -14.39 12.99 -7.21
C GLU A 40 -13.32 12.05 -7.78
N ILE A 41 -13.76 11.08 -8.57
CA ILE A 41 -12.78 10.13 -9.20
C ILE A 41 -11.82 10.86 -10.13
N ALA A 42 -12.37 11.67 -11.04
CA ALA A 42 -11.56 12.41 -11.97
C ALA A 42 -10.59 13.34 -11.28
N LYS A 43 -11.03 14.00 -10.20
CA LYS A 43 -10.17 14.94 -9.45
C LYS A 43 -9.02 14.21 -8.76
N ALA A 44 -9.34 13.05 -8.20
CA ALA A 44 -8.37 12.26 -7.45
C ALA A 44 -7.24 11.74 -8.32
N MET A 45 -7.57 11.40 -9.57
CA MET A 45 -6.57 10.80 -10.46
C MET A 45 -5.74 11.83 -11.21
N THR A 46 -6.10 13.12 -11.05
CA THR A 46 -5.39 14.23 -11.70
C THR A 46 -3.99 14.35 -11.12
N ILE A 47 -2.98 14.53 -11.97
CA ILE A 47 -1.59 14.60 -11.54
C ILE A 47 -1.22 16.01 -11.12
N SER A 48 -0.64 16.11 -9.92
CA SER A 48 -0.28 17.38 -9.27
C SER A 48 1.06 17.91 -9.82
N ASP A 53 5.54 15.01 -4.16
CA ASP A 53 5.92 14.02 -5.18
C ASP A 53 6.16 12.62 -4.63
N MET A 54 5.88 12.40 -3.36
CA MET A 54 6.01 11.06 -2.82
C MET A 54 5.08 10.07 -3.56
N LYS A 55 3.95 10.51 -4.10
CA LYS A 55 3.06 9.62 -4.86
C LYS A 55 3.66 9.18 -6.15
N TYR A 56 4.62 9.94 -6.66
CA TYR A 56 5.19 9.75 -7.97
C TYR A 56 6.62 9.23 -7.94
N MET A 57 7.10 8.89 -6.73
CA MET A 57 8.46 8.47 -6.51
C MET A 57 8.60 6.96 -6.55
N ASP A 58 9.57 6.48 -7.30
CA ASP A 58 9.91 5.06 -7.37
C ASP A 58 10.17 4.52 -5.94
N ILE A 59 9.43 3.49 -5.50
CA ILE A 59 9.56 2.89 -4.17
C ILE A 59 10.11 1.48 -4.24
N THR A 60 10.75 1.20 -5.36
CA THR A 60 11.32 -0.11 -5.60
C THR A 60 12.85 -0.16 -5.32
N GLU A 61 13.38 0.85 -4.64
CA GLU A 61 14.76 0.89 -4.19
C GLU A 61 14.80 0.90 -2.67
N LYS A 62 15.91 0.43 -2.12
CA LYS A 62 16.16 0.56 -0.69
C LYS A 62 16.58 1.96 -0.28
N VAL A 63 16.30 2.29 0.98
CA VAL A 63 16.75 3.55 1.58
C VAL A 63 17.58 3.24 2.81
N PRO A 64 18.56 4.12 3.12
CA PRO A 64 19.48 3.84 4.16
C PRO A 64 19.02 4.21 5.55
N MET A 65 18.02 3.50 6.00
CA MET A 65 17.41 3.68 7.34
C MET A 65 17.88 2.55 8.22
N SER A 66 18.50 2.88 9.36
CA SER A 66 18.94 1.87 10.29
C SER A 66 17.76 1.32 11.08
N GLU A 67 17.98 0.22 11.77
CA GLU A 67 16.95 -0.41 12.59
C GLU A 67 16.53 0.59 13.67
N SER A 68 17.45 1.34 14.22
CA SER A 68 17.11 2.39 15.18
CA SER A 68 17.07 2.34 15.21
C SER A 68 16.20 3.46 14.65
N GLU A 69 16.48 3.94 13.45
CA GLU A 69 15.65 4.93 12.78
C GLU A 69 14.26 4.39 12.46
N VAL A 70 14.19 3.18 11.98
CA VAL A 70 12.89 2.55 11.68
C VAL A 70 12.10 2.36 12.96
N ASN A 71 12.75 1.94 14.03
CA ASN A 71 12.02 1.78 15.28
C ASN A 71 11.57 3.11 15.85
N GLN A 72 12.31 4.17 15.60
CA GLN A 72 11.79 5.52 15.94
C GLN A 72 10.45 5.78 15.29
N LEU A 73 10.36 5.52 13.98
CA LEU A 73 9.11 5.71 13.27
C LEU A 73 8.01 4.87 13.87
N LEU A 74 8.32 3.68 14.35
CA LEU A 74 7.31 2.74 14.85
C LEU A 74 6.97 2.92 16.34
N LYS A 75 7.63 3.85 17.02
CA LYS A 75 7.44 4.04 18.48
C LYS A 75 5.98 4.50 18.65
N GLY A 76 5.26 3.82 19.54
CA GLY A 76 3.85 4.16 19.80
C GLY A 76 2.88 3.71 18.71
N LYS A 77 3.31 2.79 17.84
CA LYS A 77 2.48 2.25 16.77
C LYS A 77 1.98 0.83 17.03
N GLY A 78 1.48 0.61 18.27
CA GLY A 78 0.76 -0.60 18.48
C GLY A 78 1.50 -1.88 18.21
N ILE A 79 0.88 -2.78 17.45
CA ILE A 79 1.45 -4.08 17.12
C ILE A 79 2.73 -3.96 16.25
N LEU A 80 2.91 -2.79 15.67
CA LEU A 80 4.09 -2.58 14.81
C LEU A 80 5.28 -2.04 15.58
N GLU A 81 5.07 -1.57 16.80
CA GLU A 81 6.14 -1.04 17.58
C GLU A 81 7.23 -2.10 17.81
N ASN A 82 8.44 -1.61 17.68
CA ASN A 82 9.67 -2.41 17.86
C ASN A 82 9.74 -3.63 16.91
N ARG A 83 9.19 -3.47 15.71
CA ARG A 83 9.36 -4.42 14.62
C ARG A 83 10.22 -3.87 13.47
N GLY A 84 11.07 -2.89 13.75
CA GLY A 84 11.87 -2.30 12.70
C GLY A 84 12.88 -3.25 12.08
N LYS A 85 13.40 -4.16 12.88
CA LYS A 85 14.37 -5.17 12.33
C LYS A 85 13.74 -5.99 11.21
N VAL A 86 12.46 -6.26 11.32
CA VAL A 86 11.80 -7.13 10.38
C VAL A 86 11.34 -6.34 9.20
N PHE A 87 10.93 -5.08 9.42
CA PHE A 87 10.69 -4.23 8.26
C PHE A 87 11.96 -4.10 7.36
N LEU A 88 13.12 -4.04 7.98
CA LEU A 88 14.38 -3.99 7.26
C LEU A 88 14.77 -5.28 6.62
N GLU A 89 14.51 -6.42 7.27
CA GLU A 89 14.68 -7.70 6.64
C GLU A 89 13.85 -7.71 5.35
N ALA A 90 12.61 -7.23 5.42
CA ALA A 90 11.76 -7.14 4.22
C ALA A 90 12.30 -6.24 3.14
N GLN A 91 12.83 -5.10 3.51
CA GLN A 91 13.41 -4.15 2.57
C GLN A 91 14.56 -4.86 1.83
N GLU A 92 15.46 -5.48 2.58
CA GLU A 92 16.65 -6.04 1.91
C GLU A 92 16.31 -7.31 1.13
N LYS A 93 15.38 -8.10 1.59
CA LYS A 93 15.08 -9.35 0.87
C LYS A 93 14.40 -9.09 -0.45
N TYR A 94 13.48 -8.14 -0.45
CA TYR A 94 12.58 -7.97 -1.58
C TYR A 94 12.75 -6.65 -2.28
N GLU A 95 13.69 -5.81 -1.83
CA GLU A 95 14.00 -4.57 -2.49
C GLU A 95 12.74 -3.69 -2.53
N VAL A 96 12.28 -3.39 -1.33
CA VAL A 96 11.06 -2.56 -1.17
C VAL A 96 11.43 -1.44 -0.19
N ASN A 97 11.23 -0.20 -0.61
CA ASN A 97 11.57 1.02 0.21
C ASN A 97 10.94 0.88 1.59
N VAL A 98 11.77 0.93 2.62
CA VAL A 98 11.24 0.68 3.97
C VAL A 98 10.40 1.81 4.50
N ILE A 99 10.65 3.04 4.11
CA ILE A 99 9.81 4.14 4.54
C ILE A 99 8.40 3.96 3.93
N TYR A 100 8.36 3.60 2.66
CA TYR A 100 7.08 3.26 2.02
C TYR A 100 6.38 2.11 2.77
N LEU A 101 7.13 1.05 3.07
CA LEU A 101 6.53 -0.13 3.65
C LEU A 101 5.94 0.17 5.02
N VAL A 102 6.68 0.90 5.83
CA VAL A 102 6.22 1.31 7.18
C VAL A 102 4.98 2.20 7.04
N SER A 103 5.04 3.13 6.11
CA SER A 103 3.97 4.14 5.95
C SER A 103 2.70 3.45 5.48
N HIS A 104 2.81 2.52 4.54
CA HIS A 104 1.68 1.75 4.06
C HIS A 104 1.07 0.98 5.22
N ALA A 105 1.90 0.22 5.98
CA ALA A 105 1.37 -0.51 7.15
C ALA A 105 0.69 0.38 8.17
N LEU A 106 1.19 1.57 8.39
CA LEU A 106 0.63 2.50 9.38
C LEU A 106 -0.72 2.95 8.91
N VAL A 107 -0.86 3.28 7.64
CA VAL A 107 -2.18 3.70 7.16
C VAL A 107 -3.17 2.56 7.30
N GLU A 108 -2.82 1.39 6.82
CA GLU A 108 -3.74 0.25 6.78
C GLU A 108 -4.13 -0.27 8.15
N THR A 109 -3.21 -0.28 9.09
CA THR A 109 -3.47 -0.86 10.44
C THR A 109 -3.97 0.19 11.45
N GLY A 110 -4.16 1.42 11.04
CA GLY A 110 -4.53 2.50 11.97
C GLY A 110 -3.46 2.80 12.99
N ASN A 111 -2.26 3.07 12.48
CA ASN A 111 -1.10 3.30 13.32
C ASN A 111 -0.81 2.12 14.20
N GLY A 112 -1.06 0.91 13.74
CA GLY A 112 -0.80 -0.35 14.45
C GLY A 112 -1.77 -0.71 15.58
N LYS A 113 -2.86 0.03 15.66
CA LYS A 113 -3.70 -0.04 16.84
C LYS A 113 -5.10 -0.57 16.59
N SER A 114 -5.45 -0.84 15.34
CA SER A 114 -6.77 -1.33 15.01
C SER A 114 -6.99 -2.76 15.50
N GLU A 115 -8.24 -3.13 15.73
CA GLU A 115 -8.49 -4.48 16.17
C GLU A 115 -8.15 -5.50 15.06
N LEU A 116 -8.40 -5.14 13.81
CA LEU A 116 -8.11 -6.06 12.72
C LEU A 116 -6.58 -6.30 12.61
N ALA A 117 -5.81 -5.29 12.95
CA ALA A 117 -4.33 -5.42 13.01
C ALA A 117 -3.90 -6.54 13.99
N LYS A 118 -4.72 -6.87 15.01
CA LYS A 118 -4.42 -8.00 15.93
C LYS A 118 -4.79 -9.38 15.41
N GLY A 119 -5.41 -9.41 14.22
CA GLY A 119 -5.43 -10.63 13.43
C GLY A 119 -6.73 -11.39 13.58
N ILE A 120 -6.79 -12.52 12.89
CA ILE A 120 -8.01 -13.36 12.83
C ILE A 120 -7.70 -14.79 13.19
N LYS A 121 -8.35 -15.26 14.26
CA LYS A 121 -8.13 -16.61 14.76
C LYS A 121 -8.69 -17.67 13.80
N ASP A 122 -7.98 -18.79 13.67
CA ASP A 122 -8.53 -20.00 13.07
C ASP A 122 -7.70 -21.22 13.48
N GLY A 123 -8.37 -22.17 14.12
CA GLY A 123 -7.69 -23.33 14.73
C GLY A 123 -6.84 -22.84 15.88
N LYS A 124 -5.63 -23.40 16.01
CA LYS A 124 -4.65 -22.89 17.01
C LYS A 124 -3.77 -21.73 16.50
N LYS A 125 -4.02 -21.29 15.27
CA LYS A 125 -3.30 -20.17 14.67
C LYS A 125 -4.12 -18.88 14.60
N ARG A 126 -3.40 -17.76 14.46
CA ARG A 126 -4.03 -16.48 14.20
CA ARG A 126 -4.03 -16.49 14.19
C ARG A 126 -3.34 -15.96 12.95
N TYR A 127 -4.10 -15.32 12.08
CA TYR A 127 -3.55 -14.72 10.85
C TYR A 127 -3.55 -13.23 10.90
N TYR A 128 -2.48 -12.64 10.33
CA TYR A 128 -2.25 -11.22 10.39
C TYR A 128 -2.11 -10.70 8.92
N ASN A 129 -2.45 -9.45 8.77
CA ASN A 129 -2.38 -8.76 7.44
C ASN A 129 -2.26 -7.29 7.66
N PHE A 130 -1.10 -6.70 7.28
CA PHE A 130 -0.88 -5.29 7.57
C PHE A 130 -0.90 -4.41 6.32
N PHE A 131 -1.31 -4.98 5.20
CA PHE A 131 -1.23 -4.22 3.94
C PHE A 131 -2.50 -4.31 3.11
N GLY A 132 -3.63 -4.69 3.71
CA GLY A 132 -4.90 -4.74 2.94
C GLY A 132 -4.89 -5.67 1.75
N ILE A 133 -4.26 -6.83 1.88
CA ILE A 133 -4.03 -7.74 0.80
C ILE A 133 -5.11 -8.81 0.82
N GLY A 134 -5.93 -8.82 -0.22
CA GLY A 134 -7.03 -9.76 -0.30
C GLY A 134 -8.10 -9.56 0.76
N ALA A 135 -8.93 -10.59 0.86
CA ALA A 135 -10.05 -10.60 1.76
C ALA A 135 -9.54 -10.97 3.14
N PHE A 136 -9.84 -10.09 4.09
CA PHE A 136 -9.38 -10.25 5.48
C PHE A 136 -10.45 -9.79 6.46
N ASP A 137 -11.28 -10.76 6.78
CA ASP A 137 -12.40 -10.59 7.69
C ASP A 137 -12.72 -11.97 8.29
N SER A 138 -13.47 -12.00 9.39
CA SER A 138 -13.81 -13.26 10.06
C SER A 138 -14.17 -14.35 9.04
N SER A 139 -15.18 -14.04 8.22
CA SER A 139 -15.73 -14.95 7.19
C SER A 139 -14.68 -15.63 6.28
N ALA A 140 -13.85 -14.82 5.63
CA ALA A 140 -12.89 -15.31 4.61
C ALA A 140 -11.82 -16.25 5.18
N VAL A 141 -11.45 -16.03 6.44
CA VAL A 141 -10.50 -16.89 7.13
C VAL A 141 -11.15 -18.28 7.39
N ARG A 142 -12.45 -18.28 7.67
CA ARG A 142 -13.21 -19.55 7.89
C ARG A 142 -13.15 -20.45 6.65
N SER A 143 -13.57 -19.91 5.52
CA SER A 143 -13.66 -20.66 4.26
C SER A 143 -12.28 -20.99 3.66
N GLY A 144 -11.26 -20.22 4.03
CA GLY A 144 -9.91 -20.39 3.49
C GLY A 144 -9.75 -19.64 2.19
N LYS A 145 -10.66 -18.71 1.92
CA LYS A 145 -10.56 -17.78 0.79
C LYS A 145 -9.93 -16.48 1.30
N SER A 146 -8.78 -16.63 1.98
CA SER A 146 -8.05 -15.49 2.54
C SER A 146 -6.60 -15.59 2.09
N TYR A 147 -6.10 -14.51 1.49
CA TYR A 147 -4.73 -14.54 1.00
C TYR A 147 -3.76 -14.86 2.17
N ALA A 148 -4.03 -14.23 3.31
CA ALA A 148 -3.18 -14.33 4.52
C ALA A 148 -3.05 -15.79 4.99
N GLU A 149 -4.15 -16.53 4.92
CA GLU A 149 -4.17 -17.97 5.28
C GLU A 149 -3.44 -18.84 4.23
N LYS A 150 -3.76 -18.64 2.97
CA LYS A 150 -3.01 -19.30 1.90
C LYS A 150 -1.49 -19.14 2.08
N GLU A 151 -1.03 -17.95 2.49
CA GLU A 151 0.41 -17.68 2.66
C GLU A 151 0.92 -17.96 4.06
N GLN A 152 0.00 -18.26 4.96
CA GLN A 152 0.33 -18.66 6.32
C GLN A 152 1.10 -17.56 7.03
N TRP A 153 0.50 -16.38 7.01
CA TRP A 153 0.97 -15.26 7.78
C TRP A 153 0.42 -15.43 9.19
N THR A 154 1.09 -16.35 9.89
CA THR A 154 0.70 -16.75 11.24
C THR A 154 1.32 -15.90 12.35
N SER A 155 2.08 -14.86 12.00
CA SER A 155 2.68 -13.99 12.99
C SER A 155 2.82 -12.57 12.43
N PRO A 156 2.89 -11.56 13.29
CA PRO A 156 3.15 -10.24 12.75
C PRO A 156 4.39 -10.17 11.86
N ASP A 157 5.48 -10.83 12.25
CA ASP A 157 6.72 -10.68 11.47
C ASP A 157 6.52 -11.35 10.11
N LYS A 158 5.81 -12.49 10.06
CA LYS A 158 5.53 -13.15 8.77
C LYS A 158 4.64 -12.27 7.85
N ALA A 159 3.71 -11.56 8.45
CA ALA A 159 2.84 -10.62 7.71
C ALA A 159 3.63 -9.43 7.16
N ILE A 160 4.62 -8.95 7.88
CA ILE A 160 5.51 -7.90 7.37
C ILE A 160 6.32 -8.37 6.19
N ILE A 161 7.02 -9.49 6.35
CA ILE A 161 7.80 -10.07 5.27
C ILE A 161 6.94 -10.49 4.08
N GLY A 162 5.83 -11.13 4.36
CA GLY A 162 4.92 -11.56 3.32
C GLY A 162 4.28 -10.41 2.55
N GLY A 163 3.93 -9.34 3.22
CA GLY A 163 3.38 -8.17 2.52
C GLY A 163 4.41 -7.62 1.58
N ALA A 164 5.65 -7.46 2.00
CA ALA A 164 6.68 -6.96 1.12
C ALA A 164 6.87 -7.90 -0.10
N LYS A 165 6.86 -9.21 0.14
CA LYS A 165 7.00 -10.18 -0.92
C LYS A 165 5.88 -10.02 -1.96
N PHE A 166 4.66 -9.83 -1.47
CA PHE A 166 3.50 -9.61 -2.35
C PHE A 166 3.61 -8.32 -3.15
N ILE A 167 3.94 -7.23 -2.46
CA ILE A 167 4.07 -5.94 -3.16
C ILE A 167 5.12 -6.03 -4.26
N ARG A 168 6.26 -6.64 -3.96
CA ARG A 168 7.34 -6.77 -4.93
C ARG A 168 6.88 -7.61 -6.09
N ASN A 169 6.38 -8.80 -5.78
CA ASN A 169 6.12 -9.76 -6.88
C ASN A 169 4.88 -9.44 -7.66
N GLU A 170 3.85 -8.85 -7.05
CA GLU A 170 2.59 -8.60 -7.72
C GLU A 170 2.39 -7.20 -8.29
N TYR A 171 3.05 -6.21 -7.70
CA TYR A 171 2.99 -4.80 -8.16
C TYR A 171 4.28 -4.37 -8.77
N PHE A 172 5.42 -4.45 -8.06
CA PHE A 172 6.66 -3.89 -8.61
C PHE A 172 7.10 -4.65 -9.88
N GLU A 173 6.90 -5.96 -9.89
CA GLU A 173 7.25 -6.76 -11.06
C GLU A 173 6.22 -6.62 -12.17
N ASN A 174 5.12 -5.91 -11.91
CA ASN A 174 4.07 -5.61 -12.91
C ASN A 174 4.15 -4.14 -13.38
N ASN A 175 5.32 -3.53 -13.21
CA ASN A 175 5.56 -2.15 -13.64
C ASN A 175 4.67 -1.13 -12.95
N GLN A 176 4.25 -1.43 -11.73
CA GLN A 176 3.54 -0.51 -10.85
C GLN A 176 4.53 -0.14 -9.75
N LEU A 177 5.33 0.90 -10.01
CA LEU A 177 6.57 1.20 -9.30
C LEU A 177 6.47 2.33 -8.30
N ASN A 178 5.31 2.98 -8.30
CA ASN A 178 5.07 4.07 -7.34
C ASN A 178 3.60 4.06 -6.93
N LEU A 179 3.25 4.90 -5.96
CA LEU A 179 1.91 4.83 -5.44
C LEU A 179 0.85 5.14 -6.48
N TYR A 180 1.12 6.15 -7.30
CA TYR A 180 0.14 6.51 -8.30
C TYR A 180 -0.16 5.31 -9.22
N GLN A 181 0.90 4.63 -9.65
CA GLN A 181 0.69 3.46 -10.54
C GLN A 181 0.02 2.30 -9.84
N MET A 182 0.37 2.11 -8.57
CA MET A 182 -0.32 1.06 -7.73
C MET A 182 -1.79 1.34 -7.65
N ARG A 183 -2.18 2.62 -7.50
CA ARG A 183 -3.56 2.96 -7.30
C ARG A 183 -4.39 3.10 -8.56
N TRP A 184 -3.80 3.70 -9.60
CA TRP A 184 -4.55 4.09 -10.78
C TRP A 184 -4.11 3.38 -12.07
N ASN A 185 -3.06 2.51 -11.98
CA ASN A 185 -2.55 1.67 -13.07
C ASN A 185 -2.82 2.29 -14.45
N PRO A 186 -2.17 3.43 -14.72
CA PRO A 186 -2.39 4.12 -15.97
C PRO A 186 -2.08 3.30 -17.21
N GLU A 187 -1.22 2.32 -17.09
CA GLU A 187 -0.91 1.46 -18.24
C GLU A 187 -2.13 0.64 -18.61
N ASN A 188 -2.98 0.27 -17.63
CA ASN A 188 -4.20 -0.50 -17.86
C ASN A 188 -5.25 -0.02 -16.84
N PRO A 189 -5.83 1.14 -17.11
CA PRO A 189 -6.73 1.79 -16.14
C PRO A 189 -7.84 0.91 -15.64
N ALA A 190 -8.09 0.96 -14.33
CA ALA A 190 -9.19 0.28 -13.70
C ALA A 190 -9.03 -1.23 -13.51
N GLN A 191 -7.86 -1.77 -13.79
CA GLN A 191 -7.53 -3.12 -13.43
C GLN A 191 -6.32 -3.12 -12.50
N HIS A 192 -6.23 -4.20 -11.71
CA HIS A 192 -5.08 -4.45 -10.87
C HIS A 192 -4.67 -3.21 -10.09
N GLN A 193 -5.66 -2.63 -9.41
CA GLN A 193 -5.46 -1.47 -8.55
C GLN A 193 -5.47 -1.86 -7.09
N TYR A 194 -4.59 -1.21 -6.31
CA TYR A 194 -4.30 -1.72 -4.96
C TYR A 194 -5.45 -1.53 -4.02
N ALA A 195 -6.19 -0.42 -4.17
CA ALA A 195 -7.23 -0.06 -3.23
C ALA A 195 -8.32 0.70 -3.92
N SER A 196 -9.50 0.69 -3.29
CA SER A 196 -10.64 1.48 -3.70
C SER A 196 -10.69 2.92 -3.16
N ASP A 197 -10.04 3.20 -2.02
CA ASP A 197 -10.00 4.56 -1.50
C ASP A 197 -9.28 5.48 -2.46
N ILE A 198 -9.99 6.50 -2.93
CA ILE A 198 -9.45 7.48 -3.88
C ILE A 198 -8.29 8.29 -3.30
N ARG A 199 -8.18 8.32 -1.94
CA ARG A 199 -7.07 9.02 -1.30
CA ARG A 199 -7.12 8.99 -1.20
C ARG A 199 -6.02 8.08 -0.68
N TRP A 200 -6.02 6.82 -1.12
CA TRP A 200 -5.09 5.84 -0.62
C TRP A 200 -3.66 6.31 -0.76
N ALA A 201 -3.32 6.76 -1.95
CA ALA A 201 -1.91 7.20 -2.22
C ALA A 201 -1.57 8.45 -1.44
N ASP A 202 -2.54 9.36 -1.33
CA ASP A 202 -2.28 10.56 -0.56
C ASP A 202 -1.94 10.26 0.87
N LYS A 203 -2.64 9.33 1.47
CA LYS A 203 -2.44 9.04 2.88
C LYS A 203 -1.06 8.41 3.14
N ILE A 204 -0.64 7.49 2.28
CA ILE A 204 0.65 6.88 2.45
C ILE A 204 1.76 7.92 2.20
N ALA A 205 1.58 8.69 1.13
CA ALA A 205 2.55 9.72 0.71
C ALA A 205 2.81 10.75 1.80
N LYS A 206 1.76 11.10 2.54
CA LYS A 206 1.89 12.08 3.59
C LYS A 206 2.82 11.59 4.66
N LEU A 207 2.65 10.36 5.10
CA LEU A 207 3.55 9.76 6.09
C LEU A 207 4.95 9.54 5.54
N MET A 208 5.09 9.14 4.28
CA MET A 208 6.41 9.03 3.70
C MET A 208 7.16 10.37 3.72
N ASP A 209 6.44 11.41 3.36
CA ASP A 209 7.12 12.71 3.26
C ASP A 209 7.61 13.15 4.63
N LYS A 210 6.78 12.97 5.67
CA LYS A 210 7.26 13.27 7.02
C LYS A 210 8.51 12.49 7.37
N SER A 211 8.57 11.23 6.99
CA SER A 211 9.70 10.41 7.39
C SER A 211 10.94 10.79 6.61
N TYR A 212 10.79 11.16 5.32
CA TYR A 212 11.86 11.63 4.46
C TYR A 212 12.44 12.93 5.07
N LYS A 213 11.57 13.86 5.48
CA LYS A 213 12.04 15.12 6.07
C LYS A 213 12.54 14.93 7.52
N GLN A 214 12.16 13.88 8.22
CA GLN A 214 12.63 13.68 9.57
C GLN A 214 14.09 13.22 9.50
N PHE A 215 14.45 12.46 8.46
CA PHE A 215 15.77 11.77 8.49
C PHE A 215 16.66 12.25 7.36
N GLY A 216 16.18 13.17 6.53
CA GLY A 216 17.01 13.74 5.46
C GLY A 216 17.39 12.73 4.39
N ILE A 217 16.41 11.93 3.98
CA ILE A 217 16.66 10.88 3.01
C ILE A 217 16.51 11.42 1.60
N LYS A 218 17.39 10.97 0.71
CA LYS A 218 17.39 11.43 -0.66
C LYS A 218 16.35 10.66 -1.48
N LYS A 219 15.60 11.40 -2.29
CA LYS A 219 14.51 10.86 -3.13
C LYS A 219 14.99 10.11 -4.37
N ASP A 220 14.29 9.03 -4.70
CA ASP A 220 14.54 8.31 -5.92
C ASP A 220 13.78 8.95 -7.09
N ASP A 221 13.77 8.30 -8.24
CA ASP A 221 13.18 8.89 -9.46
C ASP A 221 11.71 9.28 -9.29
N ILE A 222 11.36 10.46 -9.82
CA ILE A 222 9.99 10.99 -9.89
C ILE A 222 9.50 10.92 -11.33
N ARG A 223 8.31 10.38 -11.50
CA ARG A 223 7.66 10.34 -12.82
C ARG A 223 6.29 10.98 -12.79
N GLN A 224 6.03 11.94 -13.68
CA GLN A 224 4.71 12.55 -13.78
C GLN A 224 4.05 12.36 -15.14
N THR A 225 4.68 11.64 -16.06
CA THR A 225 4.06 11.38 -17.36
C THR A 225 3.48 9.97 -17.48
N TYR A 226 2.16 9.88 -17.54
CA TYR A 226 1.45 8.59 -17.62
C TYR A 226 0.47 8.39 -18.74
N TYR A 227 0.03 9.49 -19.38
CA TYR A 227 -1.04 9.42 -20.35
C TYR A 227 -0.65 10.07 -21.69
N LYS A 228 -1.32 9.64 -22.75
CA LYS A 228 -1.11 10.14 -24.12
C LYS A 228 -1.45 11.60 -24.19
S SO4 B . -9.42 -0.91 0.08
O1 SO4 B . -8.03 -1.21 0.58
O2 SO4 B . -9.70 -1.71 -1.16
O3 SO4 B . -9.59 0.62 0.01
O4 SO4 B . -10.35 -1.52 1.11
S SO4 C . -3.17 3.86 -30.38
O1 SO4 C . -3.74 4.02 -31.73
O2 SO4 C . -1.72 3.56 -30.51
O3 SO4 C . -3.81 2.73 -29.65
O4 SO4 C . -3.40 5.12 -29.63
S SO4 D . 8.31 13.12 -15.83
O1 SO4 D . 7.73 11.86 -16.29
O2 SO4 D . 9.70 13.20 -16.33
O3 SO4 D . 7.48 14.25 -16.40
O4 SO4 D . 8.32 13.31 -14.36
CL CL E . 13.63 12.50 -10.71
CL CL F . 9.94 21.27 3.26
CL CL G . 20.80 0.86 14.29
CL CL H . -13.43 -2.74 -8.13
CL CL I . -3.48 9.77 -6.21
CL CL J . 0.49 12.48 -18.14
CL CL K . -3.98 -0.79 1.77
CAA 3LT L . -8.68 -4.16 -3.00
CAJ 3LT L . -7.83 -5.36 -3.49
CAI 3LT L . -8.01 -5.45 -5.04
CAG 3LT L . -9.51 -5.62 -5.36
CAD 3LT L . -10.32 -4.49 -4.68
CAE 3LT L . -11.85 -4.56 -4.90
CAL 3LT L . -5.56 -5.97 -2.66
CAN 3LT L . -4.13 -5.52 -2.55
CAP 3LT L . -6.03 -6.30 -6.09
CAR 3LT L . -5.07 -7.40 -5.80
CAQ 3LT L . -6.09 -6.04 -7.61
OAB 3LT L . -8.45 -3.98 -1.66
OAO 3LT L . -7.32 -6.56 -5.58
OAH 3LT L . -9.68 -5.56 -6.80
OAC 3LT L . -10.07 -4.49 -3.25
OAF 3LT L . -12.15 -5.95 -4.63
OAM 3LT L . -5.87 -7.10 -2.33
OAS 3LT L . -3.86 -7.23 -5.98
NAK 3LT L . -6.41 -5.11 -3.22
NAT 3LT L . -5.56 -8.56 -5.32
CAU 3LT L . -4.67 -9.67 -4.93
CAW 3LT L . -4.52 -10.87 -5.88
CAV 3LT L . -5.10 -10.15 -3.52
OAX 3LT L . -3.12 -11.06 -6.18
C 3LT L . -6.14 -13.09 -7.29
N 3LT L . -5.27 -10.74 -7.15
O 3LT L . -7.07 -13.91 -7.23
NBH 3LT L . -4.89 -13.46 -7.59
CA 3LT L . -6.47 -11.57 -7.11
CB 3LT L . -7.30 -11.27 -5.80
CD 3LT L . -9.10 -9.74 -4.90
CG 3LT L . -8.53 -10.45 -6.14
OE2 3LT L . -8.38 -9.33 -3.97
OE1 3LT L . -10.35 -9.66 -4.90
#